data_6ZE1
#
_entry.id   6ZE1
#
_cell.length_a   126.949
_cell.length_b   126.949
_cell.length_c   117.429
_cell.angle_alpha   90.00
_cell.angle_beta   90.00
_cell.angle_gamma   120.00
#
_symmetry.space_group_name_H-M   'P 61 2 2'
#
loop_
_entity.id
_entity.type
_entity.pdbx_description
1 polymer 'Cystic fibrosis transmembrane conductance regulator'
2 polymer 'G11a nanobody'
3 non-polymer "ADENOSINE-5'-TRIPHOSPHATE"
4 non-polymer 1,2-ETHANEDIOL
5 non-polymer GLYCEROL
6 water water
#
loop_
_entity_poly.entity_id
_entity_poly.type
_entity_poly.pdbx_seq_one_letter_code
_entity_poly.pdbx_strand_id
1 'polypeptide(L)'
;SLTTTEVVMENVTAFWEEGFGELFEKAKQNNNNRKTSNGDDSLFFSNFSLLGTPVLKDINFKIERGQLLAVAGSTGAGKT
SLLMMIMGELEPSEGKIKHSGRISFCPQFSWIMPGTIKENIIFGVSYDEYRYRSVIKACQLEEDISKFPEKDNTVLGEGG
ITLSGGQRARISLARAVYKDADLYLLDSPFGYLDVLTEKEIFESCVCKLMANKTRILVTSKMEHLKKADKILILHEGSSY
FYGTFSELQNLQPDFSSKLMG
;
A
2 'polypeptide(L)'
;QVQLQESGGGVVGPGGSLRLACAFSGRTFSDYWMAWFRQTPGEERDFVAAISRSGITTSYGDFVEGRFTITRDNAKNTVN
LQMNFLKPEDTADYYCAAGTSSFLRREYDYWGQGTQVTVSSAAAHHHHHHGAAEQKLISEEDLNGAA
;
B
#
loop_
_chem_comp.id
_chem_comp.type
_chem_comp.name
_chem_comp.formula
ATP non-polymer ADENOSINE-5'-TRIPHOSPHATE 'C10 H16 N5 O13 P3'
EDO non-polymer 1,2-ETHANEDIOL 'C2 H6 O2'
GOL non-polymer GLYCEROL 'C3 H8 O3'
#
# COMPACT_ATOMS: atom_id res chain seq x y z
N ASN A 38 -5.30 -7.47 -9.45
CA ASN A 38 -6.48 -6.70 -9.05
C ASN A 38 -6.23 -6.02 -7.72
N GLY A 39 -5.98 -6.80 -6.67
CA GLY A 39 -5.73 -6.26 -5.34
C GLY A 39 -5.74 -7.31 -4.26
N ASP A 40 -4.75 -7.27 -3.38
CA ASP A 40 -4.68 -8.20 -2.26
C ASP A 40 -5.44 -7.51 -1.13
N ASP A 41 -6.46 -8.17 -0.60
CA ASP A 41 -7.33 -7.59 0.40
C ASP A 41 -6.63 -7.27 1.72
N SER A 42 -5.36 -7.68 1.90
CA SER A 42 -4.59 -7.43 3.10
C SER A 42 -3.10 -7.37 2.80
N LEU A 43 -2.41 -6.44 3.42
CA LEU A 43 -0.97 -6.30 3.25
C LEU A 43 -0.41 -6.29 4.67
N PHE A 44 0.49 -7.22 4.96
CA PHE A 44 1.06 -7.37 6.28
C PHE A 44 2.47 -6.83 6.33
N PHE A 45 2.65 -5.71 7.01
CA PHE A 45 3.96 -5.09 7.14
C PHE A 45 4.57 -5.50 8.47
N SER A 46 5.78 -6.03 8.42
CA SER A 46 6.51 -6.53 9.57
C SER A 46 7.94 -5.98 9.56
N ASN A 47 8.05 -4.70 9.91
CA ASN A 47 9.33 -4.03 9.93
C ASN A 47 9.80 -3.95 11.36
N PHE A 48 10.52 -4.96 11.83
CA PHE A 48 11.02 -4.97 13.20
C PHE A 48 12.42 -4.39 13.22
N SER A 49 12.48 -3.03 13.06
CA SER A 49 13.67 -2.19 12.98
C SER A 49 14.63 -2.62 11.87
N LEU A 50 14.10 -3.08 10.73
CA LEU A 50 14.94 -3.50 9.62
C LEU A 50 15.18 -2.39 8.61
N LEU A 51 14.16 -1.58 8.37
CA LEU A 51 14.24 -0.48 7.40
C LEU A 51 14.18 0.87 8.09
N GLY A 52 15.03 1.81 7.65
CA GLY A 52 15.12 3.16 8.20
C GLY A 52 15.39 3.14 9.70
N THR A 53 16.22 2.18 10.13
CA THR A 53 16.56 1.83 11.51
C THR A 53 16.66 3.02 12.49
N PRO A 54 17.31 4.18 12.18
CA PRO A 54 17.34 5.28 13.16
C PRO A 54 15.94 5.78 13.54
N VAL A 55 15.08 6.05 12.54
CA VAL A 55 13.72 6.59 12.74
C VAL A 55 12.72 5.50 13.10
N LEU A 56 12.63 4.46 12.26
CA LEU A 56 11.62 3.42 12.40
C LEU A 56 12.21 2.16 13.03
N LYS A 57 11.48 1.58 13.97
CA LYS A 57 11.91 0.37 14.67
C LYS A 57 10.70 -0.34 15.25
N ASP A 58 10.45 -1.61 14.89
CA ASP A 58 9.34 -2.41 15.43
C ASP A 58 7.93 -1.89 15.07
N ILE A 59 7.64 -1.78 13.78
CA ILE A 59 6.31 -1.41 13.32
C ILE A 59 5.72 -2.63 12.65
N ASN A 60 4.53 -3.05 13.09
CA ASN A 60 3.84 -4.21 12.55
C ASN A 60 2.37 -3.83 12.40
N PHE A 61 1.80 -4.00 11.21
CA PHE A 61 0.40 -3.65 10.97
C PHE A 61 -0.16 -4.25 9.69
N LYS A 62 -1.48 -4.17 9.52
CA LYS A 62 -2.23 -4.70 8.39
C LYS A 62 -2.93 -3.55 7.66
N ILE A 63 -3.11 -3.68 6.35
CA ILE A 63 -3.88 -2.70 5.60
C ILE A 63 -4.81 -3.46 4.70
N GLU A 64 -6.10 -3.22 4.88
CA GLU A 64 -7.13 -3.91 4.11
C GLU A 64 -7.88 -2.95 3.20
N ARG A 65 -8.29 -3.42 2.02
CA ARG A 65 -9.07 -2.64 1.05
C ARG A 65 -10.22 -1.77 1.63
N GLY A 66 -10.32 -0.54 1.13
CA GLY A 66 -11.37 0.42 1.47
C GLY A 66 -11.50 0.80 2.93
N GLN A 67 -10.40 0.58 3.69
CA GLN A 67 -10.41 0.93 5.09
C GLN A 67 -9.53 2.21 5.33
N LEU A 68 -10.00 2.98 6.29
CA LEU A 68 -9.36 4.19 6.71
C LEU A 68 -8.45 3.85 7.86
N LEU A 69 -7.16 3.82 7.57
CA LEU A 69 -6.16 3.60 8.59
C LEU A 69 -5.70 4.98 9.05
N ALA A 70 -5.77 5.24 10.36
CA ALA A 70 -5.40 6.54 10.90
C ALA A 70 -4.08 6.43 11.61
N VAL A 71 -3.01 6.94 10.99
CA VAL A 71 -1.71 6.91 11.65
C VAL A 71 -1.62 8.09 12.55
N ALA A 72 -1.31 7.85 13.81
CA ALA A 72 -1.26 8.88 14.83
C ALA A 72 -0.07 8.61 15.78
N GLY A 73 0.25 9.57 16.65
CA GLY A 73 1.34 9.41 17.61
C GLY A 73 2.01 10.71 17.95
N SER A 74 3.17 10.64 18.65
CA SER A 74 3.93 11.85 19.01
C SER A 74 4.54 12.55 17.77
N THR A 75 5.25 13.68 17.95
CA THR A 75 5.87 14.39 16.82
C THR A 75 7.03 13.53 16.16
N GLY A 76 7.89 12.95 17.00
CA GLY A 76 8.99 12.15 16.52
C GLY A 76 8.70 10.69 16.31
N ALA A 77 7.39 10.32 16.26
CA ALA A 77 6.89 8.95 16.05
C ALA A 77 7.49 8.27 14.79
N GLY A 78 7.48 8.99 13.67
CA GLY A 78 8.00 8.46 12.42
C GLY A 78 6.94 8.22 11.40
N LYS A 79 5.84 9.03 11.44
CA LYS A 79 4.66 8.98 10.57
C LYS A 79 4.97 9.15 9.09
N THR A 80 5.67 10.23 8.73
CA THR A 80 6.06 10.46 7.34
C THR A 80 7.06 9.41 6.86
N SER A 81 8.00 9.03 7.74
CA SER A 81 9.03 8.01 7.46
C SER A 81 8.35 6.66 7.11
N LEU A 82 7.26 6.35 7.84
CA LEU A 82 6.46 5.14 7.67
C LEU A 82 5.73 5.18 6.36
N LEU A 83 5.12 6.32 6.00
CA LEU A 83 4.45 6.43 4.70
C LEU A 83 5.47 6.27 3.56
N MET A 84 6.66 6.84 3.75
CA MET A 84 7.75 6.72 2.79
C MET A 84 8.28 5.30 2.67
N MET A 85 8.31 4.58 3.81
CA MET A 85 8.77 3.20 3.92
C MET A 85 7.80 2.32 3.16
N ILE A 86 6.49 2.47 3.46
CA ILE A 86 5.36 1.76 2.86
C ILE A 86 5.43 1.89 1.35
N MET A 87 5.67 3.13 0.89
CA MET A 87 5.74 3.46 -0.51
C MET A 87 6.89 2.76 -1.22
N GLY A 88 8.07 2.75 -0.60
CA GLY A 88 9.26 2.12 -1.16
C GLY A 88 9.22 0.60 -1.21
N GLU A 89 8.13 -0.01 -0.74
CA GLU A 89 7.92 -1.45 -0.75
C GLU A 89 6.97 -1.87 -1.86
N LEU A 90 5.92 -1.07 -2.04
CA LEU A 90 4.84 -1.30 -3.01
C LEU A 90 5.07 -0.67 -4.40
N GLU A 91 6.16 0.08 -4.55
CA GLU A 91 6.52 0.79 -5.76
C GLU A 91 7.12 -0.09 -6.82
N PRO A 92 6.98 0.25 -8.13
CA PRO A 92 7.70 -0.52 -9.17
C PRO A 92 9.22 -0.47 -8.92
N SER A 93 9.96 -1.49 -9.37
CA SER A 93 11.39 -1.60 -9.09
C SER A 93 12.33 -1.08 -10.20
N GLU A 94 13.41 -0.40 -9.77
CA GLU A 94 14.48 0.14 -10.61
C GLU A 94 13.90 0.87 -11.88
N GLY A 95 14.25 0.50 -13.12
CA GLY A 95 13.69 1.11 -14.32
C GLY A 95 12.67 0.19 -14.97
N LYS A 96 11.40 0.37 -14.62
CA LYS A 96 10.27 -0.36 -15.18
C LYS A 96 9.41 0.67 -15.89
N ILE A 97 8.64 0.29 -16.94
CA ILE A 97 7.81 1.24 -17.70
C ILE A 97 6.91 2.13 -16.81
N LYS A 98 6.59 1.66 -15.57
CA LYS A 98 5.79 2.31 -14.51
C LYS A 98 4.33 2.39 -14.88
N HIS A 99 4.03 2.87 -16.14
CA HIS A 99 2.70 3.06 -16.72
C HIS A 99 1.76 3.72 -15.65
N SER A 100 0.58 3.17 -15.36
CA SER A 100 -0.27 3.69 -14.30
C SER A 100 0.39 3.34 -12.94
N GLY A 101 0.51 4.33 -12.08
CA GLY A 101 1.11 4.16 -10.76
C GLY A 101 0.04 3.78 -9.77
N ARG A 102 0.39 2.92 -8.80
CA ARG A 102 -0.61 2.41 -7.87
C ARG A 102 -0.67 3.11 -6.50
N ILE A 103 0.34 3.90 -6.14
CA ILE A 103 0.32 4.61 -4.85
C ILE A 103 0.07 6.10 -5.10
N SER A 104 -0.76 6.74 -4.28
CA SER A 104 -1.02 8.17 -4.43
C SER A 104 -0.63 8.84 -3.12
N PHE A 105 0.46 9.64 -3.15
CA PHE A 105 1.01 10.31 -1.98
C PHE A 105 0.66 11.81 -1.89
N CYS A 106 0.28 12.26 -0.69
CA CYS A 106 -0.01 13.65 -0.39
C CYS A 106 0.92 14.13 0.72
N PRO A 107 2.01 14.81 0.34
CA PRO A 107 2.97 15.27 1.35
C PRO A 107 2.46 16.44 2.19
N GLN A 108 3.21 16.75 3.25
CA GLN A 108 2.93 17.89 4.11
C GLN A 108 3.26 19.20 3.34
N PHE A 109 4.35 19.18 2.54
CA PHE A 109 4.81 20.35 1.76
C PHE A 109 4.09 20.47 0.42
N SER A 110 3.02 21.25 0.40
CA SER A 110 2.20 21.52 -0.79
C SER A 110 3.05 21.93 -1.98
N TRP A 111 3.01 21.16 -3.03
CA TRP A 111 3.82 21.39 -4.20
C TRP A 111 3.01 22.08 -5.30
N ILE A 112 3.62 23.00 -6.06
CA ILE A 112 2.92 23.67 -7.16
C ILE A 112 3.83 23.70 -8.39
N MET A 113 3.58 22.85 -9.38
CA MET A 113 4.38 22.84 -10.61
C MET A 113 3.92 23.97 -11.56
N PRO A 114 4.80 24.45 -12.47
CA PRO A 114 4.38 25.53 -13.39
C PRO A 114 3.28 25.05 -14.31
N GLY A 115 2.18 25.79 -14.33
CA GLY A 115 1.02 25.43 -15.14
C GLY A 115 -0.30 25.83 -14.50
N THR A 116 -1.42 25.58 -15.20
CA THR A 116 -2.73 25.96 -14.70
C THR A 116 -3.14 25.17 -13.45
N ILE A 117 -4.11 25.71 -12.68
CA ILE A 117 -4.72 25.08 -11.50
C ILE A 117 -5.22 23.66 -11.89
N LYS A 118 -5.84 23.52 -13.07
CA LYS A 118 -6.33 22.23 -13.56
C LYS A 118 -5.19 21.24 -13.82
N GLU A 119 -4.13 21.69 -14.55
CA GLU A 119 -2.97 20.86 -14.87
C GLU A 119 -2.31 20.29 -13.62
N ASN A 120 -2.15 21.12 -12.56
CA ASN A 120 -1.59 20.74 -11.27
C ASN A 120 -2.39 19.63 -10.60
N ILE A 121 -3.73 19.72 -10.63
CA ILE A 121 -4.63 18.72 -10.05
C ILE A 121 -4.59 17.41 -10.82
N ILE A 122 -4.76 17.49 -12.16
CA ILE A 122 -4.75 16.33 -13.06
C ILE A 122 -3.41 15.59 -12.92
N PHE A 123 -2.29 16.36 -13.09
CA PHE A 123 -0.92 15.89 -12.95
C PHE A 123 -0.65 14.73 -13.91
N GLY A 124 -0.75 15.00 -15.20
CA GLY A 124 -0.49 14.02 -16.25
C GLY A 124 -1.67 13.17 -16.68
N VAL A 125 -2.42 12.66 -15.68
CA VAL A 125 -3.59 11.79 -15.76
C VAL A 125 -4.67 12.40 -16.64
N SER A 126 -5.35 11.59 -17.48
CA SER A 126 -6.42 12.05 -18.37
C SER A 126 -7.46 12.91 -17.66
N TYR A 127 -8.00 13.93 -18.34
CA TYR A 127 -9.03 14.77 -17.74
C TYR A 127 -10.41 14.09 -17.80
N ASP A 128 -11.26 14.33 -16.81
CA ASP A 128 -12.63 13.83 -16.80
C ASP A 128 -13.44 14.84 -16.04
N GLU A 129 -14.37 15.55 -16.70
CA GLU A 129 -15.11 16.64 -16.03
C GLU A 129 -15.82 16.24 -14.77
N TYR A 130 -16.49 15.08 -14.78
CA TYR A 130 -17.23 14.66 -13.60
C TYR A 130 -16.31 14.21 -12.49
N ARG A 131 -15.15 13.60 -12.83
CA ARG A 131 -14.21 13.18 -11.80
C ARG A 131 -13.56 14.41 -11.19
N TYR A 132 -13.15 15.36 -12.03
CA TYR A 132 -12.51 16.59 -11.64
C TYR A 132 -13.43 17.50 -10.82
N ARG A 133 -14.64 17.79 -11.30
CA ARG A 133 -15.59 18.68 -10.61
C ARG A 133 -16.01 18.19 -9.22
N SER A 134 -16.09 16.87 -9.04
CA SER A 134 -16.44 16.29 -7.75
C SER A 134 -15.28 16.40 -6.79
N VAL A 135 -14.04 16.17 -7.28
CA VAL A 135 -12.82 16.28 -6.48
C VAL A 135 -12.67 17.75 -6.00
N ILE A 136 -12.95 18.74 -6.88
CA ILE A 136 -12.87 20.17 -6.57
C ILE A 136 -13.82 20.56 -5.43
N LYS A 137 -15.12 20.17 -5.56
CA LYS A 137 -16.21 20.39 -4.60
C LYS A 137 -15.92 19.72 -3.26
N ALA A 138 -15.43 18.46 -3.27
CA ALA A 138 -15.08 17.73 -2.04
C ALA A 138 -13.87 18.38 -1.36
N CYS A 139 -12.84 18.77 -2.14
CA CYS A 139 -11.67 19.48 -1.56
C CYS A 139 -11.96 20.96 -1.23
N GLN A 140 -13.22 21.41 -1.32
CA GLN A 140 -13.72 22.77 -1.07
C GLN A 140 -12.95 23.88 -1.83
N LEU A 141 -12.76 23.70 -3.14
CA LEU A 141 -12.06 24.68 -3.97
C LEU A 141 -12.99 25.39 -4.97
N GLU A 142 -14.28 24.98 -5.07
CA GLU A 142 -15.27 25.53 -5.98
C GLU A 142 -15.31 27.06 -5.95
N GLU A 143 -15.57 27.65 -4.77
CA GLU A 143 -15.64 29.10 -4.60
C GLU A 143 -14.31 29.76 -4.86
N ASP A 144 -13.22 29.16 -4.38
CA ASP A 144 -11.89 29.73 -4.57
C ASP A 144 -11.50 29.85 -6.04
N ILE A 145 -11.67 28.77 -6.82
CA ILE A 145 -11.34 28.75 -8.25
C ILE A 145 -12.18 29.73 -9.07
N SER A 146 -13.49 29.83 -8.78
CA SER A 146 -14.40 30.71 -9.53
C SER A 146 -14.03 32.19 -9.50
N LYS A 147 -13.64 32.73 -8.32
CA LYS A 147 -13.26 34.13 -8.16
C LYS A 147 -11.99 34.52 -8.92
N PHE A 148 -11.12 33.55 -9.20
CA PHE A 148 -9.86 33.81 -9.91
C PHE A 148 -10.12 34.19 -11.38
N PRO A 149 -9.21 34.95 -12.01
CA PRO A 149 -9.46 35.45 -13.37
C PRO A 149 -9.78 34.42 -14.45
N GLU A 150 -8.86 33.51 -14.80
CA GLU A 150 -9.12 32.52 -15.84
C GLU A 150 -9.67 31.19 -15.31
N LYS A 151 -10.05 31.15 -14.00
CA LYS A 151 -10.62 30.01 -13.29
C LYS A 151 -9.69 28.75 -13.30
N ASP A 152 -10.13 27.59 -13.86
CA ASP A 152 -9.30 26.38 -13.92
C ASP A 152 -8.01 26.58 -14.72
N ASN A 153 -8.04 27.50 -15.68
CA ASN A 153 -6.89 27.82 -16.51
C ASN A 153 -6.03 28.96 -15.94
N THR A 154 -6.23 29.34 -14.65
CA THR A 154 -5.40 30.37 -14.01
C THR A 154 -4.03 29.71 -13.81
N VAL A 155 -2.99 30.31 -14.38
CA VAL A 155 -1.66 29.72 -14.33
C VAL A 155 -0.93 30.06 -13.03
N LEU A 156 -0.26 29.07 -12.46
CA LEU A 156 0.48 29.13 -11.21
C LEU A 156 1.98 28.95 -11.46
N GLY A 157 2.78 29.31 -10.46
CA GLY A 157 4.22 29.12 -10.55
C GLY A 157 4.99 30.36 -10.93
N GLU A 158 6.17 30.13 -11.51
CA GLU A 158 7.14 31.14 -11.88
C GLU A 158 6.71 32.22 -12.88
N GLY A 159 5.56 32.09 -13.48
CA GLY A 159 5.06 33.11 -14.41
C GLY A 159 3.71 33.67 -14.04
N GLY A 160 3.03 33.02 -13.10
CA GLY A 160 1.68 33.41 -12.73
C GLY A 160 1.44 33.64 -11.26
N ILE A 161 0.15 33.69 -10.89
CA ILE A 161 -0.36 34.02 -9.57
C ILE A 161 0.26 33.19 -8.41
N THR A 162 0.28 33.81 -7.24
CA THR A 162 0.75 33.22 -5.99
C THR A 162 -0.50 32.71 -5.24
N LEU A 163 -0.35 31.79 -4.27
CA LEU A 163 -1.53 31.24 -3.57
C LEU A 163 -1.49 31.27 -2.04
N SER A 164 -2.67 31.15 -1.43
CA SER A 164 -2.83 31.07 0.02
C SER A 164 -2.25 29.75 0.56
N GLY A 165 -1.83 29.74 1.83
CA GLY A 165 -1.30 28.55 2.49
C GLY A 165 -2.25 27.36 2.43
N GLY A 166 -3.51 27.61 2.73
CA GLY A 166 -4.56 26.60 2.69
C GLY A 166 -4.96 26.24 1.27
N GLN A 167 -4.91 27.22 0.35
CA GLN A 167 -5.22 27.03 -1.06
C GLN A 167 -4.23 26.12 -1.74
N ARG A 168 -2.95 26.18 -1.35
CA ARG A 168 -1.92 25.28 -1.89
C ARG A 168 -2.15 23.86 -1.36
N ALA A 169 -2.53 23.74 -0.08
CA ALA A 169 -2.81 22.47 0.58
C ALA A 169 -4.06 21.80 -0.03
N ARG A 170 -5.04 22.59 -0.46
CA ARG A 170 -6.25 22.07 -1.08
C ARG A 170 -5.99 21.57 -2.51
N ILE A 171 -5.07 22.23 -3.22
CA ILE A 171 -4.67 21.80 -4.57
C ILE A 171 -3.84 20.51 -4.44
N SER A 172 -2.91 20.48 -3.48
CA SER A 172 -2.06 19.33 -3.19
C SER A 172 -2.89 18.09 -2.80
N LEU A 173 -4.01 18.31 -2.09
CA LEU A 173 -4.89 17.23 -1.69
C LEU A 173 -5.75 16.79 -2.88
N ALA A 174 -6.26 17.75 -3.65
CA ALA A 174 -7.09 17.46 -4.82
C ALA A 174 -6.33 16.68 -5.85
N ARG A 175 -5.04 17.00 -6.04
CA ARG A 175 -4.17 16.32 -6.98
C ARG A 175 -4.04 14.85 -6.59
N ALA A 176 -3.77 14.59 -5.28
CA ALA A 176 -3.65 13.25 -4.72
C ALA A 176 -4.93 12.45 -4.79
N VAL A 177 -6.10 13.04 -4.43
CA VAL A 177 -7.36 12.29 -4.48
C VAL A 177 -7.85 12.09 -5.93
N TYR A 178 -7.45 12.95 -6.87
CA TYR A 178 -7.84 12.80 -8.26
C TYR A 178 -7.20 11.58 -8.86
N LYS A 179 -5.93 11.30 -8.55
CA LYS A 179 -5.24 10.15 -9.11
C LYS A 179 -5.90 8.86 -8.67
N ASP A 180 -6.36 8.01 -9.64
CA ASP A 180 -6.95 6.75 -9.21
C ASP A 180 -5.82 5.78 -8.97
N ALA A 181 -5.56 5.56 -7.68
CA ALA A 181 -4.52 4.67 -7.19
C ALA A 181 -5.11 3.60 -6.28
N ASP A 182 -4.44 2.46 -6.18
CA ASP A 182 -4.86 1.36 -5.33
C ASP A 182 -4.69 1.67 -3.83
N LEU A 183 -3.74 2.58 -3.48
CA LEU A 183 -3.44 2.97 -2.10
C LEU A 183 -3.22 4.48 -2.00
N TYR A 184 -3.63 5.10 -0.88
CA TYR A 184 -3.49 6.54 -0.69
C TYR A 184 -2.76 6.88 0.59
N LEU A 185 -1.60 7.48 0.46
CA LEU A 185 -0.81 7.89 1.62
C LEU A 185 -0.99 9.41 1.80
N LEU A 186 -1.63 9.83 2.89
CA LEU A 186 -1.92 11.23 3.13
C LEU A 186 -1.24 11.74 4.36
N ASP A 187 0.00 12.22 4.21
CA ASP A 187 0.78 12.78 5.31
C ASP A 187 0.29 14.19 5.67
N SER A 188 -0.42 14.33 6.84
CA SER A 188 -1.00 15.59 7.37
C SER A 188 -1.56 16.47 6.26
N PRO A 189 -2.63 15.99 5.59
CA PRO A 189 -3.19 16.77 4.48
C PRO A 189 -3.90 18.03 4.91
N PHE A 190 -4.16 18.17 6.22
CA PHE A 190 -4.79 19.35 6.77
C PHE A 190 -3.71 20.20 7.46
N GLY A 191 -3.58 21.43 7.01
CA GLY A 191 -2.60 22.36 7.55
C GLY A 191 -2.94 23.74 7.03
N TYR A 192 -2.98 24.74 7.92
CA TYR A 192 -3.37 26.11 7.58
C TYR A 192 -4.85 26.15 7.16
N LEU A 193 -5.69 25.35 7.85
CA LEU A 193 -7.11 25.24 7.62
C LEU A 193 -7.83 25.29 8.96
N ASP A 194 -8.85 26.14 9.05
CA ASP A 194 -9.69 26.30 10.23
C ASP A 194 -10.44 24.98 10.52
N VAL A 195 -10.72 24.68 11.80
CA VAL A 195 -11.43 23.45 12.18
C VAL A 195 -12.82 23.31 11.50
N LEU A 196 -13.37 24.41 10.96
CA LEU A 196 -14.65 24.37 10.25
C LEU A 196 -14.46 23.71 8.88
N THR A 197 -13.37 24.05 8.16
CA THR A 197 -13.09 23.45 6.85
C THR A 197 -12.30 22.14 6.98
N GLU A 198 -11.48 22.01 8.03
CA GLU A 198 -10.67 20.83 8.31
C GLU A 198 -11.58 19.65 8.61
N LYS A 199 -12.67 19.88 9.36
CA LYS A 199 -13.63 18.81 9.65
C LYS A 199 -14.66 18.60 8.53
N GLU A 200 -14.82 19.58 7.63
CA GLU A 200 -15.74 19.48 6.49
C GLU A 200 -15.08 18.73 5.33
N ILE A 201 -13.76 18.93 5.12
CA ILE A 201 -12.99 18.27 4.08
C ILE A 201 -12.68 16.81 4.47
N PHE A 202 -12.51 16.54 5.77
CA PHE A 202 -12.32 15.17 6.26
C PHE A 202 -13.62 14.39 6.02
N GLU A 203 -14.78 15.01 6.29
CA GLU A 203 -16.06 14.37 6.10
C GLU A 203 -16.44 14.19 4.64
N SER A 204 -16.32 15.24 3.83
CA SER A 204 -16.73 15.16 2.42
C SER A 204 -15.73 14.47 1.50
N CYS A 205 -14.44 14.72 1.69
CA CYS A 205 -13.42 14.16 0.81
C CYS A 205 -12.89 12.81 1.29
N VAL A 206 -12.34 12.73 2.51
CA VAL A 206 -11.74 11.51 3.04
C VAL A 206 -12.74 10.39 3.33
N CYS A 207 -13.91 10.72 3.93
CA CYS A 207 -14.88 9.69 4.32
C CYS A 207 -16.04 9.50 3.35
N LYS A 208 -16.50 10.56 2.66
CA LYS A 208 -17.65 10.41 1.76
C LYS A 208 -17.23 10.09 0.32
N LEU A 209 -16.22 10.79 -0.20
CA LEU A 209 -15.77 10.57 -1.56
C LEU A 209 -14.89 9.32 -1.64
N MET A 210 -13.87 9.23 -0.79
CA MET A 210 -12.92 8.12 -0.78
C MET A 210 -13.37 6.94 0.07
N ALA A 211 -14.68 6.80 0.28
CA ALA A 211 -15.25 5.74 1.10
C ALA A 211 -14.79 4.32 0.74
N ASN A 212 -14.58 4.03 -0.56
CA ASN A 212 -14.18 2.69 -0.98
C ASN A 212 -12.68 2.55 -1.35
N LYS A 213 -11.90 3.64 -1.25
CA LYS A 213 -10.46 3.58 -1.55
C LYS A 213 -9.63 3.17 -0.31
N THR A 214 -8.38 2.71 -0.49
CA THR A 214 -7.56 2.30 0.65
C THR A 214 -6.79 3.51 1.18
N ARG A 215 -7.11 3.98 2.39
CA ARG A 215 -6.44 5.18 2.92
C ARG A 215 -5.56 4.91 4.11
N ILE A 216 -4.44 5.62 4.16
CA ILE A 216 -3.51 5.67 5.29
C ILE A 216 -3.37 7.17 5.52
N LEU A 217 -4.05 7.69 6.54
CA LEU A 217 -4.08 9.12 6.81
C LEU A 217 -3.35 9.45 8.10
N VAL A 218 -2.23 10.19 8.00
CA VAL A 218 -1.53 10.63 9.19
C VAL A 218 -2.31 11.82 9.76
N THR A 219 -2.97 11.60 10.90
CA THR A 219 -3.83 12.58 11.53
C THR A 219 -3.58 12.73 13.04
N SER A 220 -4.04 13.84 13.61
CA SER A 220 -3.88 14.09 15.05
C SER A 220 -5.22 14.06 15.82
N LYS A 221 -6.20 14.90 15.39
CA LYS A 221 -7.51 15.07 16.02
C LYS A 221 -8.23 13.76 16.34
N MET A 222 -8.82 13.69 17.55
CA MET A 222 -9.55 12.49 18.00
C MET A 222 -10.83 12.24 17.22
N GLU A 223 -11.38 13.28 16.54
CA GLU A 223 -12.58 13.10 15.70
C GLU A 223 -12.21 12.26 14.47
N HIS A 224 -11.00 12.46 13.92
CA HIS A 224 -10.55 11.68 12.78
C HIS A 224 -10.40 10.22 13.18
N LEU A 225 -9.82 9.98 14.38
CA LEU A 225 -9.63 8.64 14.93
C LEU A 225 -10.94 7.90 15.21
N LYS A 226 -12.01 8.63 15.52
CA LYS A 226 -13.31 8.01 15.79
C LYS A 226 -13.94 7.48 14.48
N LYS A 227 -13.75 8.19 13.37
CA LYS A 227 -14.27 7.79 12.06
C LYS A 227 -13.39 6.75 11.33
N ALA A 228 -12.25 6.36 11.93
CA ALA A 228 -11.28 5.43 11.36
C ALA A 228 -11.63 3.99 11.57
N ASP A 229 -11.26 3.16 10.59
CA ASP A 229 -11.49 1.72 10.62
C ASP A 229 -10.44 1.02 11.47
N LYS A 230 -9.19 1.47 11.36
CA LYS A 230 -8.10 0.96 12.19
C LYS A 230 -7.19 2.16 12.59
N ILE A 231 -6.69 2.17 13.84
CA ILE A 231 -5.84 3.24 14.36
C ILE A 231 -4.46 2.69 14.65
N LEU A 232 -3.44 3.30 14.05
CA LEU A 232 -2.07 2.89 14.32
C LEU A 232 -1.45 4.03 15.12
N ILE A 233 -0.97 3.74 16.33
CA ILE A 233 -0.35 4.75 17.18
C ILE A 233 1.13 4.45 17.29
N LEU A 234 1.96 5.35 16.78
CA LEU A 234 3.40 5.19 16.82
C LEU A 234 3.98 5.96 17.99
N HIS A 235 5.14 5.50 18.47
CA HIS A 235 5.83 6.17 19.56
C HIS A 235 7.30 5.90 19.48
N GLU A 236 8.08 6.95 19.17
CA GLU A 236 9.53 6.90 19.03
C GLU A 236 9.99 5.89 17.99
N GLY A 237 9.18 5.64 16.97
CA GLY A 237 9.53 4.72 15.91
C GLY A 237 8.88 3.36 16.00
N SER A 238 8.20 3.03 17.12
CA SER A 238 7.57 1.73 17.30
C SER A 238 6.04 1.78 17.26
N SER A 239 5.39 0.65 16.92
CA SER A 239 3.95 0.60 16.91
C SER A 239 3.49 0.19 18.30
N TYR A 240 2.66 1.01 18.95
CA TYR A 240 2.20 0.72 20.30
C TYR A 240 0.75 0.26 20.36
N PHE A 241 -0.06 0.69 19.40
CA PHE A 241 -1.45 0.29 19.36
C PHE A 241 -1.94 0.15 17.94
N TYR A 242 -2.61 -0.95 17.67
CA TYR A 242 -3.24 -1.19 16.40
C TYR A 242 -4.59 -1.77 16.76
N GLY A 243 -5.66 -1.11 16.35
CA GLY A 243 -7.00 -1.56 16.67
C GLY A 243 -8.07 -0.56 16.28
N THR A 244 -9.17 -0.52 17.04
CA THR A 244 -10.26 0.41 16.76
C THR A 244 -10.41 1.43 17.90
N PHE A 245 -11.18 2.50 17.67
CA PHE A 245 -11.41 3.52 18.70
C PHE A 245 -12.00 2.92 19.98
N SER A 246 -12.83 1.88 19.84
CA SER A 246 -13.43 1.18 20.96
C SER A 246 -12.36 0.46 21.78
N GLU A 247 -11.49 -0.33 21.13
CA GLU A 247 -10.40 -1.04 21.81
C GLU A 247 -9.45 -0.06 22.48
N LEU A 248 -9.19 1.07 21.81
CA LEU A 248 -8.30 2.10 22.31
C LEU A 248 -8.84 2.69 23.61
N GLN A 249 -10.13 2.98 23.67
CA GLN A 249 -10.74 3.51 24.89
C GLN A 249 -10.95 2.45 25.97
N ASN A 250 -10.99 1.17 25.60
CA ASN A 250 -11.08 0.07 26.55
C ASN A 250 -9.71 -0.10 27.23
N LEU A 251 -8.61 0.06 26.47
CA LEU A 251 -7.25 -0.04 26.99
C LEU A 251 -6.85 1.17 27.85
N GLN A 252 -7.54 2.31 27.71
CA GLN A 252 -7.27 3.52 28.49
C GLN A 252 -8.53 4.22 28.97
N GLN B 1 16.37 -12.49 -17.96
CA GLN B 1 17.52 -13.41 -17.87
C GLN B 1 17.59 -14.18 -16.53
N VAL B 2 16.50 -14.18 -15.76
CA VAL B 2 16.48 -14.88 -14.46
C VAL B 2 16.05 -16.35 -14.66
N GLN B 3 16.29 -17.19 -13.67
CA GLN B 3 15.89 -18.60 -13.72
C GLN B 3 15.55 -19.07 -12.29
N LEU B 4 14.41 -19.74 -12.12
CA LEU B 4 13.95 -20.19 -10.80
C LEU B 4 13.88 -21.73 -10.69
N GLN B 5 14.17 -22.29 -9.50
CA GLN B 5 14.12 -23.74 -9.28
C GLN B 5 13.62 -24.10 -7.88
N GLU B 6 12.39 -24.64 -7.79
CA GLU B 6 11.74 -25.01 -6.53
C GLU B 6 12.20 -26.35 -6.01
N SER B 7 12.05 -26.56 -4.71
CA SER B 7 12.40 -27.78 -4.02
C SER B 7 11.52 -27.90 -2.76
N GLY B 8 11.71 -28.95 -1.97
CA GLY B 8 10.94 -29.13 -0.73
C GLY B 8 9.64 -29.88 -0.86
N GLY B 9 9.23 -30.16 -2.09
CA GLY B 9 8.01 -30.91 -2.33
C GLY B 9 8.14 -32.35 -1.91
N GLY B 10 7.02 -32.96 -1.55
CA GLY B 10 6.99 -34.34 -1.11
C GLY B 10 5.61 -34.77 -0.69
N VAL B 11 5.51 -35.83 0.12
CA VAL B 11 4.21 -36.34 0.54
C VAL B 11 4.11 -36.47 2.04
N VAL B 12 3.49 -35.51 2.70
CA VAL B 12 3.28 -35.55 4.15
C VAL B 12 1.87 -36.15 4.47
N GLY B 13 1.62 -36.49 5.74
CA GLY B 13 0.33 -37.00 6.16
C GLY B 13 -0.71 -35.90 6.31
N PRO B 14 -2.00 -36.26 6.50
CA PRO B 14 -3.03 -35.21 6.66
C PRO B 14 -2.82 -34.45 7.97
N GLY B 15 -2.63 -33.16 7.86
CA GLY B 15 -2.33 -32.33 9.01
C GLY B 15 -0.86 -32.47 9.30
N GLY B 16 -0.06 -32.15 8.29
CA GLY B 16 1.39 -32.25 8.37
C GLY B 16 2.06 -30.91 8.28
N SER B 17 3.30 -30.90 7.78
CA SER B 17 4.11 -29.68 7.65
C SER B 17 5.17 -29.92 6.57
N LEU B 18 5.46 -28.89 5.76
CA LEU B 18 6.41 -28.97 4.64
C LEU B 18 6.98 -27.58 4.34
N ARG B 19 8.25 -27.50 3.90
CA ARG B 19 8.85 -26.20 3.59
C ARG B 19 9.40 -26.11 2.18
N LEU B 20 8.67 -25.45 1.28
CA LEU B 20 9.10 -25.28 -0.09
C LEU B 20 10.19 -24.20 -0.19
N ALA B 21 11.03 -24.26 -1.23
CA ALA B 21 12.09 -23.26 -1.41
C ALA B 21 12.50 -23.07 -2.85
N CYS B 22 12.45 -21.84 -3.31
CA CYS B 22 12.84 -21.50 -4.68
C CYS B 22 14.27 -20.91 -4.77
N ALA B 23 14.85 -20.90 -5.97
CA ALA B 23 16.19 -20.40 -6.16
C ALA B 23 16.26 -19.38 -7.26
N PHE B 24 16.43 -18.10 -6.88
CA PHE B 24 16.59 -17.02 -7.83
C PHE B 24 18.02 -17.07 -8.32
N SER B 25 18.22 -16.89 -9.62
CA SER B 25 19.57 -16.93 -10.18
C SER B 25 19.64 -16.17 -11.48
N GLY B 26 20.75 -15.47 -11.69
CA GLY B 26 20.97 -14.74 -12.93
C GLY B 26 20.91 -13.24 -12.82
N ARG B 27 20.32 -12.70 -11.74
CA ARG B 27 20.21 -11.23 -11.60
C ARG B 27 20.21 -10.81 -10.10
N THR B 28 19.98 -9.52 -9.76
CA THR B 28 19.96 -9.15 -8.35
C THR B 28 18.61 -9.52 -7.75
N PHE B 29 18.61 -10.43 -6.76
CA PHE B 29 17.39 -10.90 -6.11
C PHE B 29 16.62 -9.76 -5.46
N SER B 30 17.35 -8.83 -4.84
CA SER B 30 16.81 -7.69 -4.13
C SER B 30 15.84 -6.87 -4.95
N ASP B 31 16.08 -6.75 -6.26
CA ASP B 31 15.21 -5.97 -7.15
C ASP B 31 13.86 -6.59 -7.43
N TYR B 32 13.72 -7.91 -7.20
CA TYR B 32 12.48 -8.59 -7.50
C TYR B 32 11.66 -8.91 -6.26
N TRP B 33 10.33 -8.91 -6.43
CA TRP B 33 9.40 -9.37 -5.40
C TRP B 33 9.11 -10.83 -5.74
N MET B 34 8.70 -11.63 -4.75
CA MET B 34 8.41 -13.04 -5.02
C MET B 34 6.94 -13.33 -4.84
N ALA B 35 6.53 -14.51 -5.29
CA ALA B 35 5.17 -15.02 -5.18
C ALA B 35 5.15 -16.55 -5.28
N TRP B 36 4.11 -17.17 -4.72
CA TRP B 36 3.86 -18.59 -4.73
C TRP B 36 2.47 -18.80 -5.23
N PHE B 37 2.32 -19.79 -6.07
CA PHE B 37 1.08 -20.21 -6.68
C PHE B 37 0.94 -21.73 -6.54
N ARG B 38 -0.24 -22.26 -6.85
CA ARG B 38 -0.46 -23.69 -6.84
C ARG B 38 -1.47 -24.10 -7.90
N GLN B 39 -1.38 -25.35 -8.36
CA GLN B 39 -2.29 -25.85 -9.39
C GLN B 39 -2.79 -27.23 -9.01
N THR B 40 -4.02 -27.30 -8.52
CA THR B 40 -4.64 -28.58 -8.16
C THR B 40 -5.20 -29.11 -9.48
N PRO B 41 -4.60 -30.17 -10.06
CA PRO B 41 -5.01 -30.63 -11.41
C PRO B 41 -6.51 -30.69 -11.66
N GLY B 42 -6.95 -29.99 -12.70
CA GLY B 42 -8.36 -29.90 -13.05
C GLY B 42 -8.98 -28.60 -12.61
N GLU B 43 -8.54 -28.09 -11.46
CA GLU B 43 -9.01 -26.83 -10.89
C GLU B 43 -8.21 -25.63 -11.40
N GLU B 44 -8.64 -24.42 -11.02
CA GLU B 44 -8.00 -23.18 -11.42
C GLU B 44 -6.68 -22.95 -10.68
N ARG B 45 -5.85 -22.06 -11.24
CA ARG B 45 -4.60 -21.64 -10.62
C ARG B 45 -4.94 -20.85 -9.35
N ASP B 46 -4.20 -21.10 -8.26
CA ASP B 46 -4.51 -20.44 -6.99
C ASP B 46 -3.33 -19.63 -6.48
N PHE B 47 -3.57 -18.35 -6.15
CA PHE B 47 -2.50 -17.55 -5.57
C PHE B 47 -2.30 -18.01 -4.15
N VAL B 48 -1.06 -18.27 -3.77
CA VAL B 48 -0.74 -18.72 -2.43
C VAL B 48 -0.13 -17.61 -1.58
N ALA B 49 1.03 -17.03 -1.97
CA ALA B 49 1.67 -16.00 -1.14
C ALA B 49 2.51 -15.03 -1.98
N ALA B 50 2.86 -13.85 -1.44
CA ALA B 50 3.69 -12.88 -2.16
C ALA B 50 4.47 -12.08 -1.17
N ILE B 51 5.71 -11.75 -1.52
CA ILE B 51 6.56 -11.00 -0.62
C ILE B 51 7.28 -9.88 -1.33
N SER B 52 7.38 -8.73 -0.68
CA SER B 52 8.01 -7.53 -1.21
C SER B 52 9.54 -7.67 -1.39
N ARG B 53 10.18 -6.67 -2.04
CA ARG B 53 11.62 -6.68 -2.29
C ARG B 53 12.46 -6.84 -1.03
N SER B 54 12.10 -6.15 0.07
CA SER B 54 12.88 -6.29 1.32
C SER B 54 12.44 -7.46 2.18
N GLY B 55 11.16 -7.79 2.10
CA GLY B 55 10.55 -8.83 2.90
C GLY B 55 9.64 -8.28 4.00
N ILE B 56 9.54 -6.95 4.11
CA ILE B 56 8.73 -6.30 5.12
C ILE B 56 7.24 -6.43 4.82
N THR B 57 6.84 -6.50 3.54
CA THR B 57 5.41 -6.62 3.19
C THR B 57 5.06 -7.97 2.59
N THR B 58 4.01 -8.64 3.12
CA THR B 58 3.50 -9.92 2.59
C THR B 58 1.97 -9.86 2.36
N SER B 59 1.41 -10.86 1.66
CA SER B 59 -0.02 -11.00 1.40
C SER B 59 -0.28 -12.46 1.05
N TYR B 60 -1.40 -13.05 1.50
CA TYR B 60 -1.64 -14.48 1.24
C TYR B 60 -3.01 -14.77 0.60
N GLY B 61 -3.14 -15.97 0.05
CA GLY B 61 -4.39 -16.43 -0.54
C GLY B 61 -5.45 -16.58 0.52
N ASP B 62 -6.72 -16.35 0.14
CA ASP B 62 -7.83 -16.40 1.09
C ASP B 62 -7.93 -17.72 1.83
N PHE B 63 -7.49 -18.83 1.19
CA PHE B 63 -7.50 -20.17 1.76
C PHE B 63 -6.41 -20.48 2.79
N VAL B 64 -5.39 -19.61 2.96
CA VAL B 64 -4.33 -19.94 3.91
C VAL B 64 -4.83 -19.82 5.33
N GLU B 65 -5.68 -18.81 5.63
CA GLU B 65 -6.26 -18.53 6.94
C GLU B 65 -5.25 -18.57 8.10
N GLY B 66 -3.97 -18.33 7.80
CA GLY B 66 -2.91 -18.29 8.80
C GLY B 66 -1.85 -19.38 8.73
N ARG B 67 -2.15 -20.48 8.04
CA ARG B 67 -1.28 -21.66 7.94
C ARG B 67 0.08 -21.48 7.29
N PHE B 68 0.17 -20.76 6.15
CA PHE B 68 1.45 -20.63 5.45
C PHE B 68 2.16 -19.34 5.79
N THR B 69 3.50 -19.34 5.70
CA THR B 69 4.31 -18.15 5.98
C THR B 69 5.38 -18.01 4.89
N ILE B 70 5.43 -16.85 4.22
CA ILE B 70 6.40 -16.59 3.15
C ILE B 70 7.60 -15.77 3.67
N THR B 71 8.81 -16.32 3.45
CA THR B 71 10.08 -15.72 3.90
C THR B 71 11.09 -15.63 2.76
N ARG B 72 12.15 -14.83 2.91
CA ARG B 72 13.18 -14.68 1.87
C ARG B 72 14.55 -14.37 2.47
N ASP B 73 15.62 -14.79 1.78
CA ASP B 73 16.98 -14.52 2.22
C ASP B 73 17.72 -13.84 1.09
N ASN B 74 17.69 -12.50 1.03
CA ASN B 74 18.32 -11.75 -0.05
C ASN B 74 19.83 -12.00 -0.21
N ALA B 75 20.47 -12.59 0.81
CA ALA B 75 21.90 -12.87 0.74
C ALA B 75 22.15 -14.26 0.10
N LYS B 76 21.37 -15.26 0.51
CA LYS B 76 21.51 -16.60 -0.05
C LYS B 76 20.64 -16.83 -1.29
N ASN B 77 19.93 -15.79 -1.78
CA ASN B 77 19.06 -15.79 -2.95
C ASN B 77 17.96 -16.89 -2.96
N THR B 78 17.11 -16.95 -1.92
CA THR B 78 16.02 -17.95 -1.88
C THR B 78 14.77 -17.38 -1.25
N VAL B 79 13.60 -17.83 -1.71
CA VAL B 79 12.31 -17.52 -1.12
C VAL B 79 11.75 -18.85 -0.61
N ASN B 80 11.27 -18.88 0.63
CA ASN B 80 10.79 -20.10 1.26
C ASN B 80 9.34 -19.97 1.64
N LEU B 81 8.56 -21.03 1.43
CA LEU B 81 7.16 -21.05 1.84
C LEU B 81 6.95 -22.14 2.88
N GLN B 82 6.68 -21.76 4.14
CA GLN B 82 6.47 -22.74 5.21
C GLN B 82 4.99 -23.05 5.34
N MET B 83 4.62 -24.27 5.00
CA MET B 83 3.24 -24.67 5.03
C MET B 83 2.97 -25.58 6.17
N ASN B 84 2.07 -25.20 7.07
CA ASN B 84 1.70 -26.04 8.20
C ASN B 84 0.20 -26.43 8.12
N PHE B 85 -0.20 -27.49 8.85
CA PHE B 85 -1.59 -27.98 8.87
C PHE B 85 -2.13 -28.24 7.45
N LEU B 86 -1.33 -28.90 6.64
CA LEU B 86 -1.72 -29.20 5.27
C LEU B 86 -2.85 -30.20 5.28
N LYS B 87 -4.00 -29.83 4.71
CA LYS B 87 -5.11 -30.77 4.58
C LYS B 87 -5.04 -31.41 3.19
N PRO B 88 -5.63 -32.60 2.98
CA PRO B 88 -5.50 -33.26 1.67
C PRO B 88 -5.85 -32.39 0.47
N GLU B 89 -6.82 -31.47 0.62
CA GLU B 89 -7.21 -30.61 -0.49
C GLU B 89 -6.12 -29.64 -0.91
N ASP B 90 -5.08 -29.41 -0.07
CA ASP B 90 -3.94 -28.53 -0.40
C ASP B 90 -2.93 -29.19 -1.35
N THR B 91 -3.16 -30.47 -1.75
CA THR B 91 -2.36 -31.22 -2.72
C THR B 91 -2.42 -30.45 -4.03
N ALA B 92 -1.28 -30.11 -4.62
CA ALA B 92 -1.20 -29.33 -5.85
C ALA B 92 0.28 -29.20 -6.31
N ASP B 93 0.54 -28.67 -7.52
CA ASP B 93 1.91 -28.40 -7.93
C ASP B 93 2.15 -26.94 -7.56
N TYR B 94 3.14 -26.66 -6.69
CA TYR B 94 3.42 -25.28 -6.23
C TYR B 94 4.47 -24.63 -7.06
N TYR B 95 4.07 -23.58 -7.78
CA TYR B 95 4.94 -22.81 -8.66
C TYR B 95 5.37 -21.54 -7.96
N CYS B 96 6.57 -21.07 -8.27
CA CYS B 96 7.08 -19.84 -7.70
C CYS B 96 7.28 -18.85 -8.83
N ALA B 97 6.83 -17.60 -8.65
CA ALA B 97 6.94 -16.54 -9.64
C ALA B 97 7.70 -15.35 -9.10
N ALA B 98 8.36 -14.61 -9.99
CA ALA B 98 9.10 -13.42 -9.61
C ALA B 98 8.74 -12.30 -10.57
N GLY B 99 8.50 -11.13 -10.02
CA GLY B 99 8.18 -9.96 -10.83
C GLY B 99 8.92 -8.72 -10.37
N THR B 100 8.83 -7.66 -11.16
CA THR B 100 9.47 -6.40 -10.83
C THR B 100 8.54 -5.29 -11.28
N SER B 101 7.34 -5.34 -10.70
CA SER B 101 6.20 -4.49 -11.02
C SER B 101 5.71 -3.80 -9.74
N SER B 102 4.53 -3.15 -9.79
CA SER B 102 3.96 -2.57 -8.58
C SER B 102 3.45 -3.75 -7.73
N PHE B 103 3.63 -3.66 -6.40
CA PHE B 103 3.14 -4.73 -5.53
C PHE B 103 1.60 -4.72 -5.42
N LEU B 104 0.94 -3.61 -5.77
CA LEU B 104 -0.51 -3.52 -5.69
C LEU B 104 -1.13 -4.20 -6.91
N ARG B 105 -0.59 -3.90 -8.10
CA ARG B 105 -1.02 -4.59 -9.32
C ARG B 105 0.17 -5.39 -9.86
N ARG B 106 0.31 -6.65 -9.42
CA ARG B 106 1.46 -7.47 -9.76
C ARG B 106 1.48 -8.09 -11.15
N GLU B 107 2.64 -8.02 -11.81
CA GLU B 107 2.84 -8.65 -13.12
C GLU B 107 3.94 -9.70 -12.96
N TYR B 108 3.55 -10.97 -12.93
CA TYR B 108 4.43 -12.13 -12.73
C TYR B 108 5.24 -12.37 -13.97
N ASP B 109 6.36 -11.67 -14.09
CA ASP B 109 7.20 -11.73 -15.27
C ASP B 109 7.92 -13.07 -15.46
N TYR B 110 8.41 -13.70 -14.39
CA TYR B 110 9.11 -14.97 -14.50
C TYR B 110 8.47 -16.07 -13.68
N TRP B 111 8.68 -17.34 -14.05
CA TRP B 111 8.10 -18.47 -13.32
C TRP B 111 9.10 -19.61 -13.09
N GLY B 112 8.76 -20.53 -12.18
CA GLY B 112 9.55 -21.71 -11.86
C GLY B 112 8.99 -22.96 -12.52
N GLN B 113 9.56 -24.15 -12.20
CA GLN B 113 9.09 -25.41 -12.82
C GLN B 113 7.97 -26.13 -11.98
N GLY B 114 7.82 -25.74 -10.73
CA GLY B 114 6.82 -26.31 -9.84
C GLY B 114 7.34 -27.53 -9.14
N THR B 115 7.00 -27.67 -7.85
CA THR B 115 7.40 -28.86 -7.09
C THR B 115 6.12 -29.53 -6.55
N GLN B 116 6.00 -30.86 -6.68
CA GLN B 116 4.78 -31.54 -6.27
C GLN B 116 4.65 -31.78 -4.79
N VAL B 117 3.56 -31.29 -4.18
CA VAL B 117 3.25 -31.53 -2.78
C VAL B 117 1.96 -32.38 -2.75
N THR B 118 1.95 -33.40 -1.89
CA THR B 118 0.81 -34.30 -1.81
C THR B 118 0.44 -34.55 -0.36
N VAL B 119 -0.84 -34.38 -0.02
CA VAL B 119 -1.29 -34.62 1.36
C VAL B 119 -2.11 -35.90 1.39
N SER B 120 -1.41 -37.02 1.54
CA SER B 120 -2.04 -38.32 1.55
C SER B 120 -2.59 -38.69 2.91
N SER B 121 -3.93 -38.87 3.01
CA SER B 121 -4.60 -39.30 4.25
C SER B 121 -4.04 -40.67 4.70
N ALA B 122 -3.76 -41.56 3.72
CA ALA B 122 -3.19 -42.90 3.90
C ALA B 122 -1.76 -42.80 4.42
PG ATP C . 5.28 14.69 10.67
O1G ATP C . 4.21 13.61 10.52
O2G ATP C . 4.72 15.93 11.29
O3G ATP C . 5.89 14.95 9.30
PB ATP C . 6.84 12.60 12.00
O1B ATP C . 5.93 12.20 13.15
O2B ATP C . 6.77 11.69 10.84
O3B ATP C . 6.45 14.08 11.54
PA ATP C . 9.67 12.03 11.90
O1A ATP C . 9.37 10.83 11.02
O2A ATP C . 10.26 13.10 11.08
O3A ATP C . 8.32 12.54 12.57
O5' ATP C . 10.66 11.61 13.09
C5' ATP C . 11.45 12.62 13.75
C1 EDO D . -7.76 -12.00 2.62
O1 EDO D . -8.35 -12.09 1.33
C2 EDO D . -6.23 -12.13 2.48
O2 EDO D . -5.64 -12.24 3.77
C1 EDO E . -16.17 1.28 4.13
O1 EDO E . -15.09 1.43 3.23
C2 EDO E . -15.89 0.06 5.04
O2 EDO E . -16.23 0.40 6.38
C1 EDO F . -10.89 -22.08 -7.55
O1 EDO F . -10.54 -20.78 -7.09
C2 EDO F . -9.87 -23.12 -7.03
O2 EDO F . -9.52 -22.84 -5.68
C1 GOL G . 1.36 -13.50 9.61
O1 GOL G . 1.90 -13.01 8.38
C2 GOL G . 0.37 -14.62 9.38
O2 GOL G . -0.54 -14.29 8.34
C3 GOL G . 1.04 -15.95 9.07
O3 GOL G . 1.93 -16.31 10.10
#